data_7Z6T
#
_entry.id   7Z6T
#
_cell.length_a   53.826
_cell.length_b   85.037
_cell.length_c   55.319
_cell.angle_alpha   90.000
_cell.angle_beta   111.303
_cell.angle_gamma   90.000
#
_symmetry.space_group_name_H-M   'P 1 21 1'
#
loop_
_entity.id
_entity.type
_entity.pdbx_description
1 polymer 'Extracellular metalloproteinase mep'
2 branched alpha-D-mannopyranose-(1-2)-alpha-D-mannopyranose-(1-2)-[alpha-D-mannopyranose-(1-6)]alpha-D-mannopyranose-(1-3)-beta-D-mannopyranose-(1-4)-2-acetamido-2-deoxy-beta-D-glucopyranose-(1-4)-2-acetamido-2-deoxy-beta-D-glucopyranose
3 branched beta-D-mannopyranose-(1-3)-D-mannose
4 non-polymer 1,2-ETHANEDIOL
5 non-polymer 'ZINC ION'
6 non-polymer 'CALCIUM ION'
7 non-polymer 'SULFATE ION'
8 non-polymer 'SODIUM ION'
9 water water
#
_entity_poly.entity_id   1
_entity_poly.type   'polypeptide(L)'
_entity_poly.pdbx_seq_one_letter_code
;ADYKVYPWGLNDPTEGSRVMIKDPWDTVASEFTWNSDGTKKYPTTRGNNGIAQSNPSGEDDYINNHRPRSSNLSFNYPYS
PSSSPPSSYIDASIVQLFYTANMYHDLLYTLGFTEKTGNFEFNNNGQGGRGNDYVILNSQDGSGTNNANFATPPDGQPGR
MRMYTWTKSQPYRDGSFEAGIVIHEYTHGVSNRLTGGPANSNCLSTIEAGGMGEGWGDFMATAIRLKAADTRAKDYTMGA
WAANDPKGIREYPYSTSLTTNPLAYSNVDGDDSVHSIGTVWATMLYELMWNLIDKHGKNVSAKPTMKGGVPTDGKYLAMK
LVVDGMALQPCNPNFVQARDAILDADKALTKGANRCEIWKAFAKRGLGYGAKYNENKRVTSNKLPSGC
;
_entity_poly.pdbx_strand_id   AAA
#
# COMPACT_ATOMS: atom_id res chain seq x y z
N ALA A 1 6.34 11.85 -21.65
CA ALA A 1 7.23 10.85 -20.97
C ALA A 1 6.69 9.46 -21.25
N ASP A 2 7.62 8.50 -21.39
CA ASP A 2 7.24 7.11 -21.62
C ASP A 2 7.95 6.27 -20.57
N TYR A 3 7.20 5.31 -20.01
CA TYR A 3 7.75 4.44 -18.98
C TYR A 3 7.55 3.01 -19.48
N LYS A 4 8.65 2.25 -19.58
CA LYS A 4 8.54 0.82 -19.92
C LYS A 4 8.56 0.02 -18.61
N VAL A 5 7.39 -0.51 -18.22
CA VAL A 5 7.20 -1.06 -16.87
C VAL A 5 6.17 -2.18 -16.93
N TYR A 6 6.12 -2.99 -15.85
CA TYR A 6 4.95 -3.83 -15.61
C TYR A 6 3.84 -2.90 -15.14
N PRO A 7 2.71 -2.82 -15.87
CA PRO A 7 1.66 -1.86 -15.51
C PRO A 7 1.08 -2.09 -14.12
N TRP A 8 0.54 -1.01 -13.58
CA TRP A 8 -0.14 -0.94 -12.30
C TRP A 8 -1.21 -2.03 -12.29
N GLY A 9 -1.20 -2.79 -11.18
CA GLY A 9 -2.14 -3.89 -11.00
C GLY A 9 -1.48 -5.24 -11.25
N LEU A 10 -0.31 -5.27 -11.90
CA LEU A 10 0.50 -6.49 -11.96
C LEU A 10 1.39 -6.52 -10.73
N ASN A 11 1.22 -7.56 -9.93
CA ASN A 11 1.88 -7.58 -8.64
C ASN A 11 3.35 -7.88 -8.78
N ASP A 12 3.73 -8.66 -9.82
CA ASP A 12 5.11 -9.12 -9.97
C ASP A 12 5.30 -9.58 -11.40
N PRO A 13 6.56 -9.86 -11.83
CA PRO A 13 6.80 -10.27 -13.22
C PRO A 13 6.13 -11.54 -13.72
N THR A 14 5.61 -12.36 -12.80
CA THR A 14 4.89 -13.56 -13.21
C THR A 14 3.47 -13.26 -13.72
N GLU A 15 2.97 -12.02 -13.49
CA GLU A 15 1.55 -11.78 -13.78
C GLU A 15 1.34 -11.18 -15.15
N GLY A 16 2.41 -10.80 -15.87
CA GLY A 16 2.23 -10.13 -17.14
C GLY A 16 3.57 -9.65 -17.70
N SER A 17 3.50 -8.83 -18.76
N SER A 17 3.49 -8.81 -18.73
CA SER A 17 4.69 -8.36 -19.43
CA SER A 17 4.66 -8.33 -19.45
C SER A 17 4.83 -6.85 -19.24
C SER A 17 4.79 -6.82 -19.30
N ARG A 18 6.00 -6.33 -19.57
CA ARG A 18 6.26 -4.90 -19.52
C ARG A 18 5.78 -4.30 -20.83
N VAL A 19 5.29 -3.06 -20.73
CA VAL A 19 4.90 -2.30 -21.91
C VAL A 19 5.33 -0.84 -21.71
N MET A 20 5.35 -0.13 -22.85
CA MET A 20 5.57 1.32 -22.86
C MET A 20 4.27 2.02 -22.52
N ILE A 21 4.31 2.86 -21.47
CA ILE A 21 3.16 3.64 -21.05
C ILE A 21 3.49 5.12 -21.15
N LYS A 22 2.66 5.86 -21.91
CA LYS A 22 2.88 7.29 -22.07
C LYS A 22 2.14 8.07 -20.99
N ASP A 23 2.80 9.09 -20.40
CA ASP A 23 2.23 10.09 -19.51
C ASP A 23 1.25 9.47 -18.51
N PRO A 24 1.71 8.55 -17.63
CA PRO A 24 0.79 7.75 -16.85
C PRO A 24 0.24 8.46 -15.61
N TRP A 25 0.66 9.72 -15.42
CA TRP A 25 0.21 10.46 -14.24
C TRP A 25 -1.23 10.90 -14.37
N ASP A 26 -1.86 11.10 -13.21
N ASP A 26 -1.85 11.10 -13.20
CA ASP A 26 -3.19 11.72 -13.14
CA ASP A 26 -3.14 11.76 -13.06
C ASP A 26 -2.98 13.23 -12.99
C ASP A 26 -2.88 13.26 -13.01
N THR A 27 -3.47 14.02 -13.96
CA THR A 27 -3.16 15.43 -14.05
C THR A 27 -3.69 16.20 -12.84
N VAL A 28 -4.71 15.66 -12.18
CA VAL A 28 -5.29 16.34 -11.04
C VAL A 28 -4.45 16.05 -9.80
N ALA A 29 -3.99 14.81 -9.64
CA ALA A 29 -3.26 14.48 -8.42
C ALA A 29 -1.78 14.90 -8.51
N SER A 30 -1.24 14.91 -9.73
CA SER A 30 0.13 15.27 -10.02
C SER A 30 0.12 16.43 -11.02
N GLU A 31 -0.20 17.64 -10.52
CA GLU A 31 -0.43 18.75 -11.46
C GLU A 31 0.86 19.23 -12.15
N PHE A 32 2.05 18.86 -11.64
CA PHE A 32 3.30 19.20 -12.29
C PHE A 32 3.84 18.03 -13.10
N THR A 33 3.03 16.95 -13.24
CA THR A 33 3.43 15.64 -13.75
C THR A 33 4.33 14.98 -12.72
N TRP A 34 4.77 13.76 -13.04
CA TRP A 34 5.67 13.10 -12.12
C TRP A 34 7.12 13.59 -12.24
N ASN A 35 7.44 14.29 -13.34
CA ASN A 35 8.83 14.61 -13.63
C ASN A 35 9.11 16.10 -13.48
N SER A 36 8.30 16.79 -12.67
CA SER A 36 8.60 18.16 -12.29
C SER A 36 8.15 18.39 -10.85
N ASP A 37 8.73 19.39 -10.20
CA ASP A 37 8.25 19.84 -8.89
C ASP A 37 7.72 21.27 -8.96
N GLY A 38 7.37 21.76 -10.14
CA GLY A 38 6.96 23.15 -10.27
C GLY A 38 8.13 24.11 -10.43
N THR A 39 9.36 23.71 -10.08
CA THR A 39 10.53 24.58 -10.28
C THR A 39 11.32 24.08 -11.47
N LYS A 40 11.67 22.79 -11.45
CA LYS A 40 12.50 22.22 -12.50
C LYS A 40 11.79 20.99 -13.03
N LYS A 41 11.95 20.76 -14.34
CA LYS A 41 11.58 19.53 -14.99
C LYS A 41 12.83 18.65 -15.05
N TYR A 42 12.72 17.40 -14.59
CA TYR A 42 13.89 16.54 -14.50
C TYR A 42 13.85 15.48 -15.60
N PRO A 43 14.98 15.24 -16.30
CA PRO A 43 15.06 14.21 -17.32
C PRO A 43 15.44 12.87 -16.69
N THR A 44 14.78 12.55 -15.57
CA THR A 44 15.15 11.36 -14.82
C THR A 44 14.00 11.02 -13.88
N THR A 45 14.24 10.06 -13.00
CA THR A 45 13.27 9.58 -12.01
C THR A 45 13.25 10.47 -10.78
N ARG A 46 12.77 11.70 -10.98
CA ARG A 46 12.70 12.70 -9.92
C ARG A 46 11.57 13.66 -10.28
N GLY A 47 10.77 14.02 -9.27
CA GLY A 47 9.73 15.02 -9.46
C GLY A 47 8.96 15.25 -8.18
N ASN A 48 7.71 15.67 -8.29
CA ASN A 48 7.06 16.21 -7.10
C ASN A 48 6.75 15.14 -6.04
N ASN A 49 6.63 13.88 -6.48
CA ASN A 49 6.14 12.86 -5.56
C ASN A 49 7.27 11.96 -5.10
N GLY A 50 8.40 11.99 -5.78
CA GLY A 50 9.45 11.07 -5.34
C GLY A 50 10.77 11.36 -6.04
N ILE A 51 11.83 10.76 -5.49
CA ILE A 51 13.14 10.75 -6.14
C ILE A 51 13.70 9.33 -6.00
N ALA A 52 13.97 8.70 -7.16
CA ALA A 52 14.42 7.32 -7.12
C ALA A 52 15.85 7.19 -7.66
N GLN A 53 16.57 6.23 -7.07
CA GLN A 53 17.97 6.02 -7.42
C GLN A 53 18.40 4.67 -6.87
N SER A 54 19.58 4.20 -7.29
CA SER A 54 20.18 3.04 -6.67
C SER A 54 20.87 3.47 -5.38
N ASN A 55 21.12 2.50 -4.49
CA ASN A 55 21.86 2.84 -3.28
C ASN A 55 22.78 1.67 -2.90
N PRO A 56 23.83 1.40 -3.70
CA PRO A 56 24.71 0.25 -3.45
C PRO A 56 25.40 0.25 -2.08
N SER A 57 25.79 1.43 -1.59
CA SER A 57 26.48 1.54 -0.31
C SER A 57 25.54 1.30 0.87
N GLY A 58 24.23 1.44 0.65
CA GLY A 58 23.29 1.32 1.74
C GLY A 58 23.32 2.49 2.73
N GLU A 59 23.99 3.60 2.39
CA GLU A 59 24.04 4.73 3.31
C GLU A 59 22.87 5.69 3.05
N ASP A 60 22.95 6.88 3.65
CA ASP A 60 21.79 7.75 3.72
C ASP A 60 21.79 8.82 2.63
N ASP A 61 22.93 9.08 1.99
CA ASP A 61 22.91 10.03 0.90
C ASP A 61 22.10 9.47 -0.26
N TYR A 62 21.44 10.35 -1.00
CA TYR A 62 20.67 9.91 -2.15
C TYR A 62 20.72 10.90 -3.31
N ILE A 63 20.97 12.19 -3.03
CA ILE A 63 20.72 13.16 -4.07
C ILE A 63 21.63 12.93 -5.31
N ASN A 64 22.88 12.53 -5.08
CA ASN A 64 23.82 12.34 -6.19
C ASN A 64 24.02 10.86 -6.55
N ASN A 65 23.11 9.97 -6.09
CA ASN A 65 23.25 8.56 -6.39
C ASN A 65 22.77 8.34 -7.82
N HIS A 66 23.08 7.17 -8.37
CA HIS A 66 22.74 6.95 -9.77
C HIS A 66 21.23 6.90 -10.01
N ARG A 67 20.82 7.54 -11.10
CA ARG A 67 19.49 7.37 -11.71
C ARG A 67 19.60 7.60 -13.21
N PRO A 68 18.79 6.92 -14.04
CA PRO A 68 18.93 7.00 -15.49
C PRO A 68 18.47 8.35 -16.02
N ARG A 69 19.24 8.89 -16.98
CA ARG A 69 18.92 10.20 -17.54
C ARG A 69 18.48 10.00 -18.97
N SER A 70 17.35 10.61 -19.34
CA SER A 70 16.83 10.56 -20.68
C SER A 70 16.26 11.94 -20.98
N SER A 71 16.91 12.66 -21.91
CA SER A 71 16.53 14.04 -22.18
C SER A 71 15.15 14.13 -22.82
N ASN A 72 14.67 13.06 -23.45
CA ASN A 72 13.29 13.08 -23.91
C ASN A 72 12.33 12.31 -23.00
N LEU A 73 12.77 11.97 -21.79
CA LEU A 73 11.96 11.28 -20.78
C LEU A 73 11.37 10.01 -21.40
N SER A 74 12.19 9.28 -22.16
CA SER A 74 11.83 7.95 -22.65
C SER A 74 12.55 6.89 -21.81
N PHE A 75 11.85 6.38 -20.80
CA PHE A 75 12.49 5.54 -19.79
C PHE A 75 12.31 4.07 -20.16
N ASN A 76 13.07 3.64 -21.18
CA ASN A 76 12.89 2.33 -21.77
C ASN A 76 14.19 1.57 -21.63
N TYR A 77 14.27 0.74 -20.59
CA TYR A 77 15.51 0.03 -20.28
C TYR A 77 15.25 -1.48 -20.23
N PRO A 78 16.26 -2.31 -20.52
CA PRO A 78 16.03 -3.75 -20.54
C PRO A 78 15.86 -4.38 -19.17
N TYR A 79 15.01 -5.43 -19.15
CA TYR A 79 14.85 -6.24 -17.95
C TYR A 79 14.18 -7.55 -18.34
N SER A 80 14.73 -8.63 -17.78
CA SER A 80 14.07 -9.91 -17.73
C SER A 80 14.33 -10.47 -16.35
N PRO A 81 13.37 -11.14 -15.69
CA PRO A 81 13.67 -11.82 -14.43
C PRO A 81 14.75 -12.89 -14.54
N SER A 82 15.02 -13.39 -15.75
CA SER A 82 16.09 -14.36 -15.94
C SER A 82 17.49 -13.71 -15.95
N SER A 83 17.56 -12.37 -15.99
CA SER A 83 18.84 -11.68 -16.09
C SER A 83 19.55 -11.69 -14.74
N SER A 84 20.89 -11.59 -14.79
CA SER A 84 21.69 -11.59 -13.59
C SER A 84 23.00 -10.87 -13.92
N PRO A 85 23.64 -10.14 -12.99
CA PRO A 85 23.15 -9.90 -11.63
C PRO A 85 22.20 -8.69 -11.64
N PRO A 86 21.55 -8.38 -10.50
CA PRO A 86 20.56 -7.28 -10.48
C PRO A 86 21.15 -5.96 -10.96
N SER A 87 22.44 -5.70 -10.70
CA SER A 87 23.01 -4.42 -11.12
C SER A 87 22.89 -4.23 -12.64
N SER A 88 22.77 -5.35 -13.39
CA SER A 88 22.72 -5.22 -14.83
C SER A 88 21.43 -4.61 -15.34
N TYR A 89 20.40 -4.49 -14.48
CA TYR A 89 19.15 -3.88 -14.93
C TYR A 89 18.72 -2.82 -13.91
N ILE A 90 19.68 -2.16 -13.26
CA ILE A 90 19.33 -1.13 -12.28
C ILE A 90 18.49 -0.01 -12.88
N ASP A 91 18.70 0.32 -14.15
CA ASP A 91 17.92 1.42 -14.74
C ASP A 91 16.44 1.05 -14.82
N ALA A 92 16.16 -0.15 -15.36
CA ALA A 92 14.77 -0.61 -15.42
C ALA A 92 14.16 -0.68 -14.01
N SER A 93 14.97 -1.08 -13.01
CA SER A 93 14.52 -1.26 -11.63
C SER A 93 14.12 0.09 -11.01
N ILE A 94 15.00 1.10 -11.20
CA ILE A 94 14.69 2.43 -10.69
C ILE A 94 13.41 2.95 -11.34
N VAL A 95 13.23 2.74 -12.66
CA VAL A 95 12.06 3.25 -13.37
C VAL A 95 10.80 2.54 -12.87
N GLN A 96 10.88 1.23 -12.61
CA GLN A 96 9.70 0.52 -12.11
C GLN A 96 9.32 1.01 -10.72
N LEU A 97 10.31 1.17 -9.85
CA LEU A 97 10.06 1.66 -8.51
C LEU A 97 9.43 3.04 -8.56
N PHE A 98 9.99 3.93 -9.40
CA PHE A 98 9.43 5.27 -9.53
C PHE A 98 7.99 5.21 -10.03
N TYR A 99 7.76 4.39 -11.06
CA TYR A 99 6.42 4.27 -11.63
C TYR A 99 5.41 3.78 -10.58
N THR A 100 5.76 2.68 -9.89
CA THR A 100 4.80 2.13 -8.94
C THR A 100 4.48 3.13 -7.82
N ALA A 101 5.51 3.79 -7.28
CA ALA A 101 5.31 4.71 -6.18
C ALA A 101 4.47 5.93 -6.63
N ASN A 102 4.70 6.41 -7.88
CA ASN A 102 3.96 7.58 -8.30
C ASN A 102 2.51 7.21 -8.64
N MET A 103 2.31 6.01 -9.22
CA MET A 103 0.95 5.57 -9.47
C MET A 103 0.19 5.48 -8.13
N TYR A 104 0.87 4.99 -7.08
CA TYR A 104 0.20 4.85 -5.79
C TYR A 104 -0.07 6.23 -5.16
N HIS A 105 0.89 7.16 -5.28
CA HIS A 105 0.60 8.53 -4.84
C HIS A 105 -0.70 9.04 -5.47
N ASP A 106 -0.84 8.80 -6.78
CA ASP A 106 -2.00 9.34 -7.48
C ASP A 106 -3.30 8.65 -7.05
N LEU A 107 -3.30 7.32 -6.92
CA LEU A 107 -4.49 6.63 -6.40
C LEU A 107 -4.82 7.15 -5.00
N LEU A 108 -3.83 7.19 -4.12
CA LEU A 108 -4.10 7.62 -2.76
C LEU A 108 -4.68 9.03 -2.72
N TYR A 109 -4.15 9.92 -3.58
CA TYR A 109 -4.70 11.28 -3.67
C TYR A 109 -6.20 11.27 -3.98
N THR A 110 -6.59 10.46 -4.99
N THR A 110 -6.61 10.43 -4.96
CA THR A 110 -7.99 10.29 -5.37
CA THR A 110 -8.02 10.32 -5.34
C THR A 110 -8.82 9.82 -4.18
C THR A 110 -8.86 9.75 -4.20
N LEU A 111 -8.23 8.96 -3.32
CA LEU A 111 -8.91 8.42 -2.15
C LEU A 111 -8.90 9.40 -0.97
N GLY A 112 -8.21 10.54 -1.10
CA GLY A 112 -8.28 11.60 -0.09
C GLY A 112 -6.98 11.85 0.70
N PHE A 113 -5.87 11.15 0.35
CA PHE A 113 -4.59 11.39 0.98
C PHE A 113 -3.84 12.44 0.14
N THR A 114 -4.02 13.70 0.54
CA THR A 114 -3.64 14.87 -0.25
C THR A 114 -2.68 15.73 0.55
N GLU A 115 -2.31 16.89 0.02
CA GLU A 115 -1.31 17.69 0.74
C GLU A 115 -1.83 18.04 2.13
N LYS A 116 -3.11 18.45 2.24
CA LYS A 116 -3.57 18.93 3.54
C LYS A 116 -3.80 17.80 4.56
N THR A 117 -3.82 16.54 4.11
CA THR A 117 -3.96 15.42 5.03
C THR A 117 -2.62 14.76 5.35
N GLY A 118 -1.53 15.31 4.84
CA GLY A 118 -0.21 14.85 5.28
C GLY A 118 0.50 13.91 4.30
N ASN A 119 0.30 14.09 2.98
CA ASN A 119 0.92 13.20 2.00
C ASN A 119 2.38 13.60 1.73
N PHE A 120 3.00 12.95 0.74
CA PHE A 120 4.42 13.07 0.47
C PHE A 120 4.66 13.75 -0.87
N GLU A 121 5.01 15.05 -0.82
CA GLU A 121 5.24 15.82 -2.03
C GLU A 121 6.25 16.92 -1.72
N PHE A 122 7.00 17.30 -2.77
CA PHE A 122 7.97 18.36 -2.65
C PHE A 122 7.29 19.74 -2.54
N ASN A 123 6.46 20.04 -3.53
CA ASN A 123 5.79 21.32 -3.60
C ASN A 123 4.28 21.09 -3.48
N ASN A 124 3.70 21.59 -2.40
CA ASN A 124 2.29 21.37 -2.09
C ASN A 124 1.40 22.40 -2.80
N ASN A 125 2.02 23.34 -3.54
CA ASN A 125 1.33 24.33 -4.36
C ASN A 125 0.32 25.12 -3.52
N GLY A 126 0.69 25.38 -2.25
CA GLY A 126 -0.15 26.13 -1.34
C GLY A 126 -1.45 25.43 -0.93
N GLN A 127 -1.52 24.11 -1.10
CA GLN A 127 -2.76 23.38 -0.83
C GLN A 127 -2.86 22.86 0.60
N GLY A 128 -1.98 23.32 1.47
CA GLY A 128 -2.01 22.98 2.89
C GLY A 128 -1.01 21.87 3.24
N GLY A 129 -0.79 21.67 4.55
CA GLY A 129 0.22 20.69 4.94
C GLY A 129 1.63 21.22 4.73
N ARG A 130 2.62 20.33 4.89
CA ARG A 130 4.01 20.68 4.74
C ARG A 130 4.59 19.90 3.57
N GLY A 131 5.29 20.61 2.67
CA GLY A 131 5.99 20.01 1.54
C GLY A 131 7.38 19.58 1.91
N ASN A 132 8.26 19.57 0.90
N ASN A 132 8.23 19.51 0.88
CA ASN A 132 9.62 19.09 1.01
CA ASN A 132 9.62 19.12 0.97
C ASN A 132 9.64 17.70 1.63
C ASN A 132 9.75 17.64 1.36
N ASP A 133 8.67 16.87 1.20
CA ASP A 133 8.61 15.53 1.79
C ASP A 133 8.14 14.48 0.80
N TYR A 134 8.64 14.56 -0.44
N TYR A 134 8.60 14.58 -0.44
CA TYR A 134 8.48 13.48 -1.38
CA TYR A 134 8.44 13.47 -1.37
C TYR A 134 9.12 12.22 -0.79
C TYR A 134 9.10 12.21 -0.79
N VAL A 135 8.86 11.08 -1.44
CA VAL A 135 9.44 9.83 -0.99
C VAL A 135 10.79 9.60 -1.67
N ILE A 136 11.79 9.29 -0.84
CA ILE A 136 13.11 8.88 -1.33
C ILE A 136 13.01 7.38 -1.63
N LEU A 137 13.22 6.99 -2.90
CA LEU A 137 12.92 5.62 -3.33
C LEU A 137 14.23 4.94 -3.73
N ASN A 138 14.80 4.16 -2.82
CA ASN A 138 16.07 3.48 -3.09
C ASN A 138 15.85 2.07 -3.63
N SER A 139 16.38 1.80 -4.83
CA SER A 139 16.37 0.45 -5.39
C SER A 139 17.70 -0.25 -5.13
N GLN A 140 17.63 -1.57 -4.92
CA GLN A 140 18.80 -2.44 -4.75
C GLN A 140 19.66 -1.84 -3.64
N ASP A 141 19.00 -1.41 -2.57
CA ASP A 141 19.67 -0.81 -1.44
C ASP A 141 20.58 -1.81 -0.71
N GLY A 142 21.85 -1.42 -0.54
CA GLY A 142 22.82 -2.37 0.01
C GLY A 142 22.78 -2.52 1.53
N SER A 143 21.73 -2.02 2.23
CA SER A 143 21.73 -2.14 3.68
C SER A 143 21.05 -3.42 4.17
N GLY A 144 20.52 -4.23 3.25
CA GLY A 144 19.95 -5.52 3.65
C GLY A 144 19.57 -6.37 2.45
N THR A 145 18.96 -7.53 2.75
CA THR A 145 18.46 -8.46 1.74
C THR A 145 17.13 -9.05 2.20
N ASN A 146 16.37 -9.55 1.21
CA ASN A 146 15.20 -10.37 1.52
C ASN A 146 14.22 -9.59 2.39
N ASN A 147 14.03 -8.31 2.03
CA ASN A 147 13.10 -7.50 2.81
C ASN A 147 12.95 -6.18 2.08
N ALA A 148 12.30 -5.25 2.77
CA ALA A 148 12.20 -3.85 2.39
C ALA A 148 11.84 -3.06 3.64
N ASN A 149 11.94 -1.73 3.59
N ASN A 149 11.91 -1.73 3.53
CA ASN A 149 11.45 -0.98 4.73
CA ASN A 149 11.81 -0.84 4.68
C ASN A 149 11.13 0.46 4.32
C ASN A 149 11.14 0.48 4.28
N PHE A 150 10.40 1.09 5.22
CA PHE A 150 9.88 2.43 5.03
C PHE A 150 10.04 3.17 6.35
N ALA A 151 10.51 4.43 6.27
CA ALA A 151 10.68 5.30 7.42
C ALA A 151 9.78 6.52 7.20
N THR A 152 8.95 6.83 8.20
CA THR A 152 7.95 7.90 8.10
C THR A 152 8.17 8.96 9.18
N PRO A 153 8.80 10.10 8.85
CA PRO A 153 8.85 11.18 9.83
C PRO A 153 7.56 11.96 9.79
N PRO A 154 7.35 12.92 10.73
CA PRO A 154 6.17 13.79 10.67
C PRO A 154 6.10 14.55 9.34
N ASP A 155 4.91 15.10 9.06
CA ASP A 155 4.70 15.82 7.80
C ASP A 155 5.77 16.90 7.65
N GLY A 156 6.34 16.99 6.45
CA GLY A 156 7.35 17.99 6.12
C GLY A 156 8.79 17.48 6.09
N GLN A 157 9.00 16.19 6.38
CA GLN A 157 10.29 15.57 6.15
C GLN A 157 10.05 14.32 5.32
N PRO A 158 10.93 14.03 4.35
CA PRO A 158 10.72 12.96 3.39
C PRO A 158 10.48 11.58 3.97
N GLY A 159 9.53 10.83 3.38
CA GLY A 159 9.54 9.38 3.62
C GLY A 159 10.73 8.74 2.93
N ARG A 160 11.16 7.55 3.40
CA ARG A 160 12.27 6.86 2.76
C ARG A 160 11.93 5.38 2.62
N MET A 161 11.92 4.92 1.37
CA MET A 161 11.71 3.49 1.09
C MET A 161 13.03 2.88 0.66
N ARG A 162 13.36 1.73 1.26
CA ARG A 162 14.52 0.95 0.84
C ARG A 162 14.01 -0.40 0.31
N MET A 163 14.29 -0.64 -0.99
CA MET A 163 13.96 -1.92 -1.58
C MET A 163 15.27 -2.72 -1.68
N TYR A 164 15.18 -3.98 -1.26
CA TYR A 164 16.34 -4.86 -1.31
C TYR A 164 16.22 -5.89 -2.42
N THR A 165 17.37 -6.53 -2.67
CA THR A 165 17.46 -7.72 -3.50
C THR A 165 17.12 -8.94 -2.63
N TRP A 166 16.47 -9.92 -3.27
CA TRP A 166 16.13 -11.19 -2.64
C TRP A 166 17.05 -12.28 -3.16
N THR A 167 17.56 -13.07 -2.23
CA THR A 167 18.58 -14.06 -2.57
C THR A 167 18.05 -15.48 -2.30
N LYS A 168 16.73 -15.70 -2.39
CA LYS A 168 16.13 -17.00 -2.16
C LYS A 168 15.92 -17.75 -3.48
N SER A 169 16.59 -17.25 -4.51
CA SER A 169 16.46 -17.80 -5.84
C SER A 169 17.78 -17.50 -6.56
N GLN A 170 18.01 -18.25 -7.63
CA GLN A 170 19.07 -17.90 -8.56
C GLN A 170 18.42 -17.86 -9.95
N PRO A 171 18.43 -16.74 -10.69
CA PRO A 171 19.02 -15.47 -10.25
C PRO A 171 18.31 -14.81 -9.05
N TYR A 172 19.02 -13.87 -8.41
CA TYR A 172 18.40 -13.03 -7.37
C TYR A 172 17.18 -12.33 -7.95
N ARG A 173 16.22 -11.98 -7.08
CA ARG A 173 15.03 -11.27 -7.53
C ARG A 173 14.99 -9.89 -6.90
N ASP A 174 14.73 -8.89 -7.75
CA ASP A 174 14.76 -7.49 -7.34
C ASP A 174 13.36 -7.06 -6.86
N GLY A 175 13.25 -6.75 -5.57
CA GLY A 175 11.98 -6.43 -4.93
C GLY A 175 11.27 -5.23 -5.56
N SER A 176 12.01 -4.38 -6.31
CA SER A 176 11.37 -3.22 -6.92
C SER A 176 10.37 -3.63 -8.00
N PHE A 177 10.48 -4.87 -8.51
CA PHE A 177 9.52 -5.37 -9.50
C PHE A 177 8.35 -6.08 -8.85
N GLU A 178 8.37 -6.25 -7.52
CA GLU A 178 7.17 -6.74 -6.84
C GLU A 178 6.38 -5.54 -6.30
N ALA A 179 5.42 -5.09 -7.13
CA ALA A 179 4.62 -3.91 -6.79
C ALA A 179 4.01 -4.10 -5.40
N GLY A 180 3.64 -5.33 -5.04
CA GLY A 180 2.98 -5.51 -3.74
C GLY A 180 3.89 -5.12 -2.59
N ILE A 181 5.21 -5.32 -2.78
CA ILE A 181 6.11 -4.95 -1.68
C ILE A 181 6.26 -3.43 -1.63
N VAL A 182 6.36 -2.80 -2.81
CA VAL A 182 6.46 -1.33 -2.88
C VAL A 182 5.21 -0.74 -2.23
N ILE A 183 4.04 -1.25 -2.63
CA ILE A 183 2.78 -0.73 -2.10
C ILE A 183 2.72 -0.96 -0.59
N HIS A 184 3.07 -2.16 -0.11
CA HIS A 184 3.13 -2.41 1.31
C HIS A 184 3.94 -1.34 2.03
N GLU A 185 5.16 -1.12 1.56
CA GLU A 185 6.01 -0.17 2.27
C GLU A 185 5.45 1.25 2.23
N TYR A 186 5.02 1.70 1.04
CA TYR A 186 4.45 3.06 0.94
C TYR A 186 3.26 3.23 1.89
N THR A 187 2.48 2.14 2.07
CA THR A 187 1.31 2.25 2.92
C THR A 187 1.72 2.54 4.37
N HIS A 188 2.94 2.16 4.80
CA HIS A 188 3.38 2.53 6.14
C HIS A 188 3.40 4.06 6.27
N GLY A 189 3.78 4.74 5.19
CA GLY A 189 3.78 6.20 5.18
C GLY A 189 2.36 6.74 5.35
N VAL A 190 1.43 6.13 4.61
CA VAL A 190 0.03 6.55 4.67
C VAL A 190 -0.52 6.37 6.08
N SER A 191 -0.36 5.16 6.67
CA SER A 191 -0.99 4.87 7.95
C SER A 191 -0.31 5.66 9.08
N ASN A 192 1.00 5.83 9.02
CA ASN A 192 1.66 6.60 10.08
C ASN A 192 1.30 8.09 9.98
N ARG A 193 1.15 8.61 8.75
CA ARG A 193 0.78 10.02 8.64
C ARG A 193 -0.67 10.25 9.09
N LEU A 194 -1.59 9.43 8.57
CA LEU A 194 -2.99 9.70 8.87
C LEU A 194 -3.31 9.42 10.33
N THR A 195 -2.73 8.36 10.93
CA THR A 195 -3.12 8.02 12.29
C THR A 195 -2.59 9.08 13.27
N GLY A 196 -3.52 9.64 14.01
CA GLY A 196 -3.19 10.63 15.02
C GLY A 196 -2.80 11.97 14.41
N GLY A 197 -3.06 12.16 13.11
CA GLY A 197 -2.78 13.43 12.45
C GLY A 197 -1.34 13.51 11.97
N PRO A 198 -1.10 14.37 10.95
CA PRO A 198 0.17 14.38 10.22
C PRO A 198 1.42 14.78 11.01
N ALA A 199 1.22 15.43 12.15
CA ALA A 199 2.37 15.83 12.95
C ALA A 199 2.87 14.71 13.85
N ASN A 200 2.06 13.67 14.08
N ASN A 200 2.14 13.59 13.94
CA ASN A 200 2.49 12.62 14.99
CA ASN A 200 2.40 12.59 14.96
C ASN A 200 2.72 11.36 14.18
C ASN A 200 2.68 11.22 14.34
N SER A 201 3.97 10.89 14.20
CA SER A 201 4.39 9.68 13.51
C SER A 201 4.65 8.52 14.45
N ASN A 202 4.24 8.66 15.72
N ASN A 202 4.30 8.70 15.73
CA ASN A 202 4.51 7.58 16.68
CA ASN A 202 4.46 7.63 16.70
C ASN A 202 3.21 6.89 17.10
C ASN A 202 3.08 7.22 17.19
N CYS A 203 2.18 6.97 16.24
CA CYS A 203 0.83 6.57 16.61
C CYS A 203 0.49 5.14 16.21
N LEU A 204 1.48 4.35 15.79
CA LEU A 204 1.30 2.92 15.53
C LEU A 204 2.43 2.12 16.17
N SER A 205 2.67 2.41 17.45
CA SER A 205 3.91 2.03 18.12
C SER A 205 3.70 0.90 19.11
N THR A 206 2.44 0.65 19.48
CA THR A 206 2.07 -0.53 20.26
C THR A 206 2.05 -1.79 19.36
N ILE A 207 2.05 -2.97 19.99
CA ILE A 207 2.14 -4.20 19.22
C ILE A 207 0.88 -4.40 18.35
N GLU A 208 -0.30 -4.17 18.91
CA GLU A 208 -1.53 -4.37 18.15
C GLU A 208 -1.64 -3.33 17.03
N ALA A 209 -1.32 -2.06 17.33
CA ALA A 209 -1.38 -1.00 16.31
C ALA A 209 -0.30 -1.18 15.26
N GLY A 210 0.90 -1.61 15.69
CA GLY A 210 1.96 -1.95 14.75
C GLY A 210 1.60 -3.13 13.83
N GLY A 211 0.85 -4.07 14.42
CA GLY A 211 0.29 -5.18 13.65
C GLY A 211 -0.63 -4.70 12.53
N MET A 212 -1.60 -3.83 12.85
CA MET A 212 -2.44 -3.28 11.78
C MET A 212 -1.55 -2.53 10.79
N GLY A 213 -0.48 -1.91 11.31
CA GLY A 213 0.46 -1.23 10.41
C GLY A 213 0.94 -2.14 9.29
N GLU A 214 1.27 -3.40 9.62
CA GLU A 214 1.70 -4.35 8.59
C GLU A 214 0.51 -4.80 7.74
N GLY A 215 -0.65 -5.00 8.40
CA GLY A 215 -1.79 -5.51 7.64
C GLY A 215 -2.29 -4.52 6.59
N TRP A 216 -2.31 -3.22 6.92
CA TRP A 216 -2.87 -2.30 5.95
C TRP A 216 -2.10 -2.38 4.64
N GLY A 217 -0.77 -2.52 4.72
CA GLY A 217 0.04 -2.59 3.51
C GLY A 217 -0.18 -3.88 2.71
N ASP A 218 -0.38 -5.01 3.40
CA ASP A 218 -0.69 -6.25 2.72
C ASP A 218 -2.06 -6.16 2.06
N PHE A 219 -3.00 -5.49 2.75
CA PHE A 219 -4.33 -5.34 2.20
C PHE A 219 -4.31 -4.48 0.94
N MET A 220 -3.66 -3.32 1.00
CA MET A 220 -3.70 -2.43 -0.16
C MET A 220 -3.03 -3.12 -1.34
N ALA A 221 -1.91 -3.85 -1.07
CA ALA A 221 -1.22 -4.58 -2.12
C ALA A 221 -2.16 -5.59 -2.75
N THR A 222 -2.96 -6.26 -1.90
CA THR A 222 -3.85 -7.31 -2.41
C THR A 222 -5.01 -6.70 -3.22
N ALA A 223 -5.58 -5.59 -2.71
CA ALA A 223 -6.66 -4.92 -3.43
C ALA A 223 -6.21 -4.45 -4.81
N ILE A 224 -4.99 -3.91 -4.87
CA ILE A 224 -4.52 -3.35 -6.14
C ILE A 224 -4.29 -4.44 -7.19
N ARG A 225 -3.89 -5.63 -6.76
CA ARG A 225 -3.57 -6.67 -7.72
C ARG A 225 -4.80 -7.45 -8.19
N LEU A 226 -5.98 -7.22 -7.60
N LEU A 226 -5.98 -7.19 -7.62
CA LEU A 226 -7.15 -8.02 -8.01
CA LEU A 226 -7.18 -7.95 -7.97
C LEU A 226 -7.34 -7.92 -9.51
C LEU A 226 -7.43 -7.88 -9.48
N LYS A 227 -7.72 -9.03 -10.10
CA LYS A 227 -7.97 -9.12 -11.54
C LYS A 227 -9.47 -9.25 -11.79
N ALA A 228 -9.86 -8.90 -13.01
CA ALA A 228 -11.26 -8.87 -13.43
C ALA A 228 -11.90 -10.24 -13.22
N ALA A 229 -11.17 -11.31 -13.50
CA ALA A 229 -11.72 -12.67 -13.41
C ALA A 229 -11.79 -13.16 -11.96
N ASP A 230 -11.16 -12.48 -11.02
CA ASP A 230 -11.16 -12.97 -9.65
C ASP A 230 -12.56 -12.91 -9.00
N THR A 231 -12.80 -13.91 -8.12
CA THR A 231 -13.94 -13.91 -7.24
C THR A 231 -13.44 -14.07 -5.81
N ARG A 232 -14.35 -14.05 -4.83
CA ARG A 232 -13.90 -14.19 -3.46
C ARG A 232 -13.22 -15.51 -3.17
N ALA A 233 -13.36 -16.49 -4.09
CA ALA A 233 -12.70 -17.76 -3.92
C ALA A 233 -11.19 -17.66 -4.22
N LYS A 234 -10.76 -16.55 -4.84
CA LYS A 234 -9.32 -16.39 -5.08
C LYS A 234 -8.56 -16.20 -3.76
N ASP A 235 -7.42 -16.90 -3.66
CA ASP A 235 -6.49 -16.68 -2.57
C ASP A 235 -5.28 -15.91 -3.09
N TYR A 236 -4.72 -15.05 -2.23
CA TYR A 236 -3.52 -14.31 -2.60
C TYR A 236 -2.50 -14.40 -1.48
N THR A 237 -1.24 -14.66 -1.89
CA THR A 237 -0.15 -14.66 -0.94
C THR A 237 0.53 -13.31 -0.95
N MET A 238 1.51 -13.13 -0.05
N MET A 238 1.57 -13.17 -0.12
CA MET A 238 2.35 -11.94 -0.10
CA MET A 238 2.34 -11.93 -0.04
C MET A 238 3.77 -12.37 -0.48
C MET A 238 3.82 -12.25 -0.33
N GLY A 239 4.40 -11.57 -1.33
CA GLY A 239 5.84 -11.70 -1.62
C GLY A 239 6.27 -13.07 -2.15
N ALA A 240 5.34 -13.82 -2.75
CA ALA A 240 5.68 -15.16 -3.21
C ALA A 240 6.75 -15.11 -4.31
N TRP A 241 6.64 -14.16 -5.24
CA TRP A 241 7.68 -14.11 -6.28
C TRP A 241 9.03 -13.74 -5.66
N ALA A 242 9.10 -12.63 -4.92
CA ALA A 242 10.41 -12.17 -4.46
C ALA A 242 11.05 -13.22 -3.55
N ALA A 243 10.22 -13.87 -2.69
CA ALA A 243 10.72 -14.83 -1.70
C ALA A 243 10.93 -16.22 -2.31
N ASN A 244 10.49 -16.38 -3.55
CA ASN A 244 10.60 -17.65 -4.26
C ASN A 244 9.95 -18.78 -3.46
N ASP A 245 8.72 -18.52 -3.00
CA ASP A 245 8.05 -19.50 -2.17
C ASP A 245 6.57 -19.39 -2.45
N PRO A 246 5.89 -20.46 -2.94
CA PRO A 246 4.49 -20.37 -3.30
C PRO A 246 3.56 -20.04 -2.10
N LYS A 247 4.05 -20.18 -0.87
CA LYS A 247 3.26 -19.82 0.30
C LYS A 247 3.36 -18.32 0.59
N GLY A 248 4.30 -17.66 -0.11
CA GLY A 248 4.58 -16.27 0.24
C GLY A 248 5.23 -16.18 1.60
N ILE A 249 5.16 -14.98 2.22
CA ILE A 249 5.89 -14.69 3.43
C ILE A 249 5.01 -14.67 4.69
N ARG A 250 3.67 -14.83 4.57
CA ARG A 250 2.84 -14.85 5.75
C ARG A 250 2.41 -16.31 6.02
N GLU A 251 1.80 -16.50 7.21
CA GLU A 251 1.55 -17.86 7.67
C GLU A 251 0.50 -18.57 6.81
N TYR A 252 -0.49 -17.81 6.35
CA TYR A 252 -1.54 -18.37 5.50
C TYR A 252 -1.79 -17.41 4.36
N PRO A 253 -2.27 -17.88 3.18
N PRO A 253 -2.36 -17.89 3.23
CA PRO A 253 -2.67 -16.96 2.10
CA PRO A 253 -2.79 -17.01 2.15
C PRO A 253 -3.98 -16.24 2.42
C PRO A 253 -3.96 -16.16 2.62
N TYR A 254 -4.07 -14.96 2.01
CA TYR A 254 -5.30 -14.21 2.16
C TYR A 254 -6.40 -14.95 1.43
N SER A 255 -7.44 -15.29 2.17
CA SER A 255 -8.48 -16.19 1.68
C SER A 255 -9.76 -15.91 2.46
N THR A 256 -10.90 -16.11 1.81
CA THR A 256 -12.17 -16.07 2.52
C THR A 256 -12.54 -17.45 3.09
N SER A 257 -11.70 -18.47 2.81
CA SER A 257 -11.89 -19.78 3.41
C SER A 257 -11.33 -19.81 4.83
N LEU A 258 -12.14 -20.25 5.80
CA LEU A 258 -11.68 -20.38 7.19
C LEU A 258 -10.85 -21.65 7.37
N THR A 259 -10.81 -22.51 6.35
CA THR A 259 -9.91 -23.67 6.32
C THR A 259 -8.53 -23.25 5.84
N THR A 260 -8.48 -22.57 4.70
CA THR A 260 -7.23 -22.14 4.10
C THR A 260 -6.55 -21.13 5.03
N ASN A 261 -7.37 -20.25 5.62
CA ASN A 261 -6.87 -19.22 6.51
C ASN A 261 -7.78 -19.14 7.73
N PRO A 262 -7.39 -19.79 8.86
CA PRO A 262 -8.25 -19.84 10.03
C PRO A 262 -8.11 -18.67 10.98
N LEU A 263 -7.39 -17.61 10.58
CA LEU A 263 -7.09 -16.57 11.56
C LEU A 263 -8.31 -15.85 12.11
N ALA A 264 -8.25 -15.56 13.42
CA ALA A 264 -9.29 -14.80 14.10
C ALA A 264 -8.64 -13.86 15.11
N TYR A 265 -9.47 -13.01 15.74
CA TYR A 265 -8.89 -12.03 16.66
C TYR A 265 -8.15 -12.70 17.83
N SER A 266 -8.61 -13.89 18.25
CA SER A 266 -7.93 -14.58 19.34
C SER A 266 -6.47 -14.94 18.99
N ASN A 267 -6.12 -15.05 17.70
CA ASN A 267 -4.74 -15.35 17.29
C ASN A 267 -3.78 -14.18 17.57
N VAL A 268 -4.30 -13.03 17.99
CA VAL A 268 -3.46 -11.92 18.40
C VAL A 268 -2.93 -12.13 19.82
N ASP A 269 -3.68 -12.90 20.65
CA ASP A 269 -3.22 -13.17 22.01
C ASP A 269 -1.84 -13.79 21.99
N GLY A 270 -0.92 -13.19 22.75
CA GLY A 270 0.39 -13.79 22.93
C GLY A 270 1.33 -13.59 21.74
N ASP A 271 0.85 -12.86 20.73
CA ASP A 271 1.60 -12.75 19.49
C ASP A 271 2.59 -11.59 19.60
N ASP A 272 3.89 -11.88 19.39
CA ASP A 272 4.87 -10.83 19.56
C ASP A 272 5.35 -10.30 18.21
N SER A 273 4.72 -10.72 17.12
CA SER A 273 5.16 -10.38 15.78
C SER A 273 4.15 -9.44 15.10
N VAL A 274 4.58 -8.22 14.75
CA VAL A 274 3.64 -7.33 14.07
C VAL A 274 3.25 -7.90 12.69
N HIS A 275 4.15 -8.67 12.04
CA HIS A 275 3.78 -9.20 10.73
C HIS A 275 2.70 -10.28 10.84
N SER A 276 2.74 -11.07 11.92
CA SER A 276 1.73 -12.08 12.19
C SER A 276 0.39 -11.42 12.49
N ILE A 277 0.39 -10.44 13.40
CA ILE A 277 -0.82 -9.75 13.78
C ILE A 277 -1.39 -9.08 12.53
N GLY A 278 -0.51 -8.48 11.72
CA GLY A 278 -0.94 -7.83 10.48
C GLY A 278 -1.61 -8.82 9.52
N THR A 279 -1.21 -10.10 9.56
CA THR A 279 -1.89 -11.08 8.72
C THR A 279 -3.34 -11.23 9.17
N VAL A 280 -3.59 -11.21 10.48
CA VAL A 280 -4.98 -11.30 10.95
C VAL A 280 -5.77 -10.09 10.42
N TRP A 281 -5.22 -8.89 10.59
CA TRP A 281 -5.93 -7.68 10.22
C TRP A 281 -6.17 -7.67 8.70
N ALA A 282 -5.15 -8.02 7.90
CA ALA A 282 -5.32 -7.97 6.44
C ALA A 282 -6.34 -9.03 5.98
N THR A 283 -6.41 -10.14 6.72
CA THR A 283 -7.40 -11.16 6.38
C THR A 283 -8.81 -10.63 6.63
N MET A 284 -9.01 -9.92 7.75
CA MET A 284 -10.31 -9.30 8.01
C MET A 284 -10.63 -8.29 6.89
N LEU A 285 -9.63 -7.50 6.47
CA LEU A 285 -9.88 -6.53 5.42
C LEU A 285 -10.17 -7.21 4.08
N TYR A 286 -9.56 -8.37 3.79
CA TYR A 286 -9.86 -9.09 2.56
C TYR A 286 -11.36 -9.50 2.54
N GLU A 287 -11.83 -10.00 3.70
CA GLU A 287 -13.25 -10.30 3.89
C GLU A 287 -14.13 -9.08 3.61
N LEU A 288 -13.71 -7.91 4.13
CA LEU A 288 -14.52 -6.70 3.97
C LEU A 288 -14.59 -6.35 2.50
N MET A 289 -13.40 -6.38 1.85
CA MET A 289 -13.32 -5.99 0.47
C MET A 289 -14.27 -6.87 -0.36
N TRP A 290 -14.21 -8.20 -0.17
CA TRP A 290 -15.08 -9.01 -1.00
C TRP A 290 -16.57 -8.82 -0.68
N ASN A 291 -16.94 -8.55 0.58
CA ASN A 291 -18.35 -8.21 0.86
C ASN A 291 -18.75 -7.00 0.02
N LEU A 292 -17.84 -6.01 -0.11
CA LEU A 292 -18.20 -4.78 -0.81
C LEU A 292 -18.21 -4.99 -2.33
N ILE A 293 -17.29 -5.81 -2.85
CA ILE A 293 -17.30 -6.09 -4.28
C ILE A 293 -18.54 -6.91 -4.65
N ASP A 294 -18.89 -7.88 -3.81
CA ASP A 294 -20.05 -8.70 -4.14
C ASP A 294 -21.31 -7.82 -4.15
N LYS A 295 -21.31 -6.75 -3.38
CA LYS A 295 -22.48 -5.90 -3.26
C LYS A 295 -22.49 -4.87 -4.40
N HIS A 296 -21.34 -4.27 -4.70
CA HIS A 296 -21.32 -3.09 -5.57
C HIS A 296 -20.70 -3.39 -6.94
N GLY A 297 -19.97 -4.51 -7.09
CA GLY A 297 -19.28 -4.71 -8.35
C GLY A 297 -17.81 -4.32 -8.24
N LYS A 298 -17.04 -4.68 -9.27
CA LYS A 298 -15.60 -4.42 -9.26
C LYS A 298 -15.23 -3.44 -10.38
N ASN A 299 -14.36 -2.48 -10.03
CA ASN A 299 -13.61 -1.69 -10.99
C ASN A 299 -12.15 -2.11 -10.89
N VAL A 300 -11.60 -2.61 -12.01
CA VAL A 300 -10.25 -3.12 -12.11
C VAL A 300 -9.43 -2.31 -13.13
N SER A 301 -9.87 -1.06 -13.41
CA SER A 301 -9.08 -0.03 -14.06
C SER A 301 -8.33 0.78 -13.00
N ALA A 302 -7.43 1.67 -13.44
CA ALA A 302 -6.44 2.28 -12.55
C ALA A 302 -6.99 3.49 -11.78
N LYS A 303 -8.23 3.92 -12.12
CA LYS A 303 -8.90 5.04 -11.47
C LYS A 303 -10.34 4.69 -11.10
N PRO A 304 -10.78 4.90 -9.84
CA PRO A 304 -12.19 4.72 -9.49
C PRO A 304 -13.04 5.76 -10.22
N THR A 305 -14.31 5.42 -10.46
CA THR A 305 -15.35 6.38 -10.78
C THR A 305 -15.93 6.86 -9.45
N MET A 306 -15.98 8.18 -9.27
CA MET A 306 -16.47 8.79 -8.03
C MET A 306 -17.79 9.50 -8.32
N LYS A 307 -18.86 9.12 -7.63
CA LYS A 307 -20.10 9.88 -7.67
C LYS A 307 -20.36 10.52 -6.32
N GLY A 308 -20.20 11.85 -6.26
CA GLY A 308 -20.41 12.61 -5.03
C GLY A 308 -19.37 12.25 -3.97
N GLY A 309 -18.13 11.98 -4.44
CA GLY A 309 -16.99 11.63 -3.60
C GLY A 309 -16.94 10.17 -3.15
N VAL A 310 -17.89 9.33 -3.61
CA VAL A 310 -18.00 7.92 -3.22
C VAL A 310 -17.60 7.04 -4.40
N PRO A 311 -16.61 6.12 -4.27
CA PRO A 311 -16.32 5.17 -5.34
C PRO A 311 -17.56 4.33 -5.68
N THR A 312 -17.81 4.11 -6.98
CA THR A 312 -18.98 3.36 -7.43
C THR A 312 -18.76 1.86 -7.31
N ASP A 313 -17.50 1.42 -7.23
CA ASP A 313 -17.26 -0.01 -7.16
C ASP A 313 -16.75 -0.39 -5.78
N GLY A 314 -16.86 -1.67 -5.47
CA GLY A 314 -16.60 -2.14 -4.13
C GLY A 314 -15.13 -2.17 -3.77
N LYS A 315 -14.27 -2.36 -4.78
N LYS A 315 -14.27 -2.34 -4.79
CA LYS A 315 -12.86 -2.47 -4.45
CA LYS A 315 -12.85 -2.49 -4.55
C LYS A 315 -12.34 -1.11 -3.99
C LYS A 315 -12.27 -1.15 -4.08
N TYR A 316 -12.61 -0.09 -4.80
CA TYR A 316 -12.18 1.25 -4.44
C TYR A 316 -12.94 1.76 -3.22
N LEU A 317 -14.20 1.34 -3.04
CA LEU A 317 -14.89 1.74 -1.82
C LEU A 317 -14.19 1.13 -0.61
N ALA A 318 -13.76 -0.13 -0.74
CA ALA A 318 -13.08 -0.72 0.41
C ALA A 318 -11.82 0.08 0.73
N MET A 319 -11.02 0.38 -0.31
N MET A 319 -11.02 0.41 -0.29
CA MET A 319 -9.78 1.11 -0.07
CA MET A 319 -9.77 1.11 -0.04
C MET A 319 -10.07 2.48 0.56
C MET A 319 -10.05 2.49 0.56
N LYS A 320 -11.14 3.12 0.09
CA LYS A 320 -11.52 4.46 0.58
C LYS A 320 -11.91 4.40 2.05
N LEU A 321 -12.71 3.38 2.42
CA LEU A 321 -13.16 3.28 3.80
C LEU A 321 -11.97 2.98 4.72
N VAL A 322 -11.03 2.15 4.23
CA VAL A 322 -9.87 1.78 5.03
C VAL A 322 -9.00 3.02 5.26
N VAL A 323 -8.79 3.81 4.21
CA VAL A 323 -7.96 5.00 4.33
C VAL A 323 -8.65 6.07 5.21
N ASP A 324 -9.96 6.26 4.98
CA ASP A 324 -10.72 7.18 5.84
C ASP A 324 -10.64 6.74 7.30
N GLY A 325 -10.72 5.44 7.56
CA GLY A 325 -10.68 4.97 8.94
C GLY A 325 -9.39 5.37 9.62
N MET A 326 -8.28 5.30 8.88
CA MET A 326 -6.98 5.69 9.40
C MET A 326 -6.99 7.11 9.99
N ALA A 327 -7.71 8.02 9.33
CA ALA A 327 -7.71 9.40 9.76
C ALA A 327 -8.69 9.62 10.92
N LEU A 328 -9.58 8.67 11.19
CA LEU A 328 -10.59 8.86 12.23
C LEU A 328 -10.16 8.17 13.51
N GLN A 329 -9.38 7.09 13.40
CA GLN A 329 -9.11 6.24 14.56
C GLN A 329 -8.25 6.96 15.58
N PRO A 330 -8.27 6.53 16.86
CA PRO A 330 -7.39 7.14 17.84
C PRO A 330 -5.93 6.77 17.61
N CYS A 331 -5.04 7.57 18.22
CA CYS A 331 -3.63 7.24 18.23
C CYS A 331 -3.41 5.89 18.92
N ASN A 332 -2.52 5.07 18.35
CA ASN A 332 -2.21 3.72 18.87
C ASN A 332 -3.50 2.92 19.02
N PRO A 333 -4.26 2.77 17.93
CA PRO A 333 -5.56 2.09 17.98
C PRO A 333 -5.38 0.60 18.21
N ASN A 334 -6.47 0.00 18.76
CA ASN A 334 -6.58 -1.45 18.73
C ASN A 334 -7.51 -1.85 17.58
N PHE A 335 -7.64 -3.18 17.35
CA PHE A 335 -8.48 -3.62 16.24
C PHE A 335 -9.94 -3.15 16.35
N VAL A 336 -10.48 -3.12 17.59
CA VAL A 336 -11.86 -2.71 17.81
C VAL A 336 -12.06 -1.27 17.38
N GLN A 337 -11.09 -0.42 17.78
CA GLN A 337 -11.16 0.99 17.45
C GLN A 337 -11.00 1.20 15.94
N ALA A 338 -10.12 0.40 15.31
CA ALA A 338 -9.89 0.54 13.88
C ALA A 338 -11.16 0.11 13.15
N ARG A 339 -11.79 -0.99 13.62
CA ARG A 339 -13.05 -1.41 13.04
C ARG A 339 -14.10 -0.30 13.13
N ASP A 340 -14.24 0.28 14.32
CA ASP A 340 -15.21 1.33 14.57
C ASP A 340 -14.92 2.54 13.68
N ALA A 341 -13.63 2.82 13.41
CA ALA A 341 -13.28 3.94 12.52
C ALA A 341 -13.73 3.66 11.10
N ILE A 342 -13.65 2.41 10.66
CA ILE A 342 -14.14 2.10 9.33
C ILE A 342 -15.66 2.25 9.30
N LEU A 343 -16.34 1.77 10.35
CA LEU A 343 -17.79 1.96 10.41
C LEU A 343 -18.15 3.45 10.38
N ASP A 344 -17.38 4.26 11.12
CA ASP A 344 -17.66 5.70 11.17
C ASP A 344 -17.34 6.39 9.84
N ALA A 345 -16.31 5.88 9.13
CA ALA A 345 -15.98 6.39 7.81
C ALA A 345 -17.14 6.14 6.88
N ASP A 346 -17.78 4.97 7.00
CA ASP A 346 -18.92 4.66 6.16
C ASP A 346 -20.15 5.48 6.54
N LYS A 347 -20.34 5.75 7.83
CA LYS A 347 -21.40 6.68 8.26
C LYS A 347 -21.24 8.03 7.57
N ALA A 348 -20.00 8.53 7.55
CA ALA A 348 -19.72 9.85 6.98
C ALA A 348 -19.87 9.80 5.45
N LEU A 349 -19.39 8.72 4.81
CA LEU A 349 -19.34 8.69 3.35
C LEU A 349 -20.69 8.34 2.73
N THR A 350 -21.40 7.36 3.29
CA THR A 350 -22.59 6.79 2.63
C THR A 350 -23.82 6.82 3.54
N LYS A 351 -23.71 7.43 4.73
CA LYS A 351 -24.79 7.45 5.74
C LYS A 351 -25.04 6.05 6.29
N GLY A 352 -23.97 5.22 6.28
CA GLY A 352 -24.00 3.88 6.86
C GLY A 352 -24.62 2.81 5.95
N ALA A 353 -24.60 3.03 4.61
CA ALA A 353 -25.14 2.09 3.65
C ALA A 353 -24.45 0.71 3.71
N ASN A 354 -23.20 0.66 4.20
CA ASN A 354 -22.44 -0.59 4.19
C ASN A 354 -22.24 -1.18 5.59
N ARG A 355 -23.03 -0.72 6.56
N ARG A 355 -23.03 -0.73 6.56
CA ARG A 355 -22.93 -1.17 7.95
CA ARG A 355 -22.93 -1.17 7.94
C ARG A 355 -22.85 -2.70 8.03
C ARG A 355 -22.86 -2.69 8.04
N CYS A 356 -23.78 -3.38 7.38
CA CYS A 356 -23.89 -4.81 7.61
C CYS A 356 -22.77 -5.59 6.95
N GLU A 357 -22.34 -5.11 5.78
CA GLU A 357 -21.24 -5.75 5.07
C GLU A 357 -19.95 -5.66 5.87
N ILE A 358 -19.74 -4.49 6.50
CA ILE A 358 -18.57 -4.31 7.36
C ILE A 358 -18.66 -5.20 8.60
N TRP A 359 -19.81 -5.20 9.28
CA TRP A 359 -19.88 -6.02 10.47
C TRP A 359 -19.74 -7.52 10.15
N LYS A 360 -20.30 -7.94 9.03
CA LYS A 360 -20.22 -9.38 8.75
C LYS A 360 -18.76 -9.82 8.55
N ALA A 361 -17.98 -9.02 7.83
CA ALA A 361 -16.58 -9.35 7.59
C ALA A 361 -15.84 -9.49 8.93
N PHE A 362 -16.00 -8.53 9.82
CA PHE A 362 -15.24 -8.52 11.08
C PHE A 362 -15.75 -9.61 12.02
N ALA A 363 -17.08 -9.77 12.09
CA ALA A 363 -17.64 -10.79 12.97
C ALA A 363 -17.24 -12.20 12.53
N LYS A 364 -17.12 -12.44 11.21
CA LYS A 364 -16.69 -13.76 10.76
C LYS A 364 -15.40 -14.22 11.44
N ARG A 365 -14.50 -13.28 11.75
CA ARG A 365 -13.19 -13.61 12.27
C ARG A 365 -13.00 -13.09 13.69
N GLY A 366 -14.10 -13.02 14.42
CA GLY A 366 -14.01 -12.86 15.87
C GLY A 366 -13.99 -11.41 16.36
N LEU A 367 -14.19 -10.46 15.46
CA LEU A 367 -14.19 -9.04 15.81
C LEU A 367 -15.59 -8.47 15.64
N GLY A 368 -16.59 -9.27 16.05
CA GLY A 368 -17.99 -8.87 15.98
C GLY A 368 -18.46 -8.04 17.17
N TYR A 369 -19.80 -7.98 17.27
CA TYR A 369 -20.44 -7.08 18.21
C TYR A 369 -20.15 -7.63 19.60
N GLY A 370 -19.56 -6.80 20.47
CA GLY A 370 -19.21 -7.31 21.79
C GLY A 370 -17.73 -7.73 21.92
N ALA A 371 -16.96 -7.70 20.83
CA ALA A 371 -15.54 -7.98 20.94
C ALA A 371 -14.88 -6.89 21.78
N LYS A 372 -13.86 -7.28 22.54
CA LYS A 372 -13.15 -6.29 23.35
C LYS A 372 -11.65 -6.52 23.28
N TYR A 373 -10.90 -5.43 23.13
CA TYR A 373 -9.45 -5.48 23.24
C TYR A 373 -9.04 -5.77 24.68
N ASN A 374 -8.07 -6.65 24.83
CA ASN A 374 -7.34 -6.79 26.08
C ASN A 374 -5.92 -7.15 25.67
N GLU A 375 -4.93 -6.54 26.34
CA GLU A 375 -3.54 -6.72 25.98
C GLU A 375 -3.21 -8.22 25.86
N ASN A 376 -3.77 -9.05 26.76
CA ASN A 376 -3.35 -10.44 26.91
C ASN A 376 -4.39 -11.45 26.42
N LYS A 377 -5.67 -11.21 26.72
CA LYS A 377 -6.70 -12.19 26.40
C LYS A 377 -7.91 -11.44 25.86
N ARG A 378 -7.99 -11.33 24.53
CA ARG A 378 -9.05 -10.55 23.92
C ARG A 378 -10.39 -11.28 24.08
N VAL A 379 -11.47 -10.51 24.11
CA VAL A 379 -12.82 -11.07 24.06
C VAL A 379 -13.25 -11.05 22.61
N THR A 380 -13.50 -12.25 22.06
CA THR A 380 -13.88 -12.38 20.66
C THR A 380 -15.39 -12.46 20.57
N SER A 381 -15.90 -12.19 19.37
CA SER A 381 -17.33 -12.29 19.13
C SER A 381 -17.57 -12.57 17.66
N ASN A 382 -18.52 -13.48 17.37
CA ASN A 382 -19.00 -13.67 16.00
C ASN A 382 -20.39 -13.05 15.85
N LYS A 383 -20.83 -12.26 16.85
CA LYS A 383 -22.17 -11.69 16.82
C LYS A 383 -22.28 -10.47 15.90
N LEU A 384 -23.51 -10.27 15.38
CA LEU A 384 -23.82 -9.11 14.56
C LEU A 384 -24.76 -8.18 15.30
N PRO A 385 -24.70 -6.86 15.04
CA PRO A 385 -25.66 -5.92 15.64
C PRO A 385 -27.04 -6.06 14.99
N SER A 386 -28.04 -5.45 15.66
CA SER A 386 -29.43 -5.58 15.24
C SER A 386 -29.58 -5.17 13.78
N GLY A 387 -30.16 -6.03 12.96
CA GLY A 387 -30.51 -5.68 11.61
C GLY A 387 -29.56 -6.34 10.61
N CYS A 388 -28.38 -6.75 11.09
CA CYS A 388 -27.42 -7.32 10.16
C CYS A 388 -27.58 -8.83 10.07
#